data_4FLP
#
_entry.id   4FLP
#
_cell.length_a   37.400
_cell.length_b   57.420
_cell.length_c   128.690
_cell.angle_alpha   90.00
_cell.angle_beta   90.00
_cell.angle_gamma   90.00
#
_symmetry.space_group_name_H-M   'P 21 2 21'
#
loop_
_entity.id
_entity.type
_entity.pdbx_description
1 polymer 'Bromodomain testis-specific protein'
2 non-polymer (6S)-6-(2-tert-butoxy-2-oxoethyl)-4-(4-chlorophenyl)-2,3,9-trimethyl-6,7-dihydrothieno[3,2-f][1,2,4]triazolo[4,3-a][1,4]diazepin-10-ium
3 non-polymer 'POTASSIUM ION'
4 water water
#
_entity_poly.entity_id   1
_entity_poly.type   'polypeptide(L)'
_entity_poly.pdbx_seq_one_letter_code
;SMNTKKNGRLTNQLQYLQKVVLKDLWKHSFSWPFQRPVDAVKLQLPDYYTIIKNPMDLNTIKKRLENKYYAKASECIEDF
NTMFSNCYLYNKPGDDIVLMAQALEKLFMQKLSQMPQEE
;
_entity_poly.pdbx_strand_id   A,B
#
# COMPACT_ATOMS: atom_id res chain seq x y z
N THR A 11 22.30 -4.78 -15.30
CA THR A 11 21.86 -6.13 -14.87
C THR A 11 22.97 -6.96 -14.21
N ASN A 12 24.23 -6.57 -14.39
CA ASN A 12 25.31 -7.10 -13.54
C ASN A 12 25.06 -6.67 -12.09
N GLN A 13 24.82 -5.37 -11.92
CA GLN A 13 24.76 -4.73 -10.61
C GLN A 13 23.39 -4.88 -9.95
N LEU A 14 22.32 -4.65 -10.69
CA LEU A 14 20.98 -5.05 -10.23
C LEU A 14 20.93 -6.46 -9.61
N GLN A 15 21.63 -7.42 -10.22
CA GLN A 15 21.69 -8.81 -9.71
C GLN A 15 22.44 -8.93 -8.37
N TYR A 16 23.50 -8.14 -8.23
CA TYR A 16 24.16 -7.99 -6.94
C TYR A 16 23.13 -7.51 -5.90
N LEU A 17 22.50 -6.38 -6.19
CA LEU A 17 21.57 -5.78 -5.25
C LEU A 17 20.46 -6.76 -4.88
N GLN A 18 20.08 -7.64 -5.80
CA GLN A 18 19.07 -8.66 -5.47
C GLN A 18 19.59 -9.81 -4.64
N LYS A 19 20.70 -10.40 -5.08
CA LYS A 19 21.18 -11.67 -4.54
C LYS A 19 22.02 -11.44 -3.31
N VAL A 20 22.74 -10.32 -3.30
CA VAL A 20 23.62 -9.97 -2.17
C VAL A 20 23.02 -8.93 -1.20
N VAL A 21 22.78 -7.71 -1.69
CA VAL A 21 22.48 -6.57 -0.79
C VAL A 21 21.14 -6.79 -0.12
N LEU A 22 20.13 -7.01 -0.93
CA LEU A 22 18.79 -7.19 -0.43
C LEU A 22 18.72 -8.41 0.45
N LYS A 23 19.45 -9.47 0.10
CA LYS A 23 19.36 -10.75 0.82
C LYS A 23 19.95 -10.60 2.22
N ASP A 24 21.04 -9.87 2.30
CA ASP A 24 21.73 -9.65 3.57
C ASP A 24 21.00 -8.68 4.45
N LEU A 25 20.39 -7.67 3.85
CA LEU A 25 19.59 -6.76 4.65
C LEU A 25 18.42 -7.51 5.15
N TRP A 26 17.78 -8.28 4.26
CA TRP A 26 16.57 -9.00 4.64
C TRP A 26 16.83 -9.95 5.82
N LYS A 27 17.93 -10.67 5.80
CA LYS A 27 18.19 -11.64 6.88
C LYS A 27 18.76 -11.06 8.17
N HIS A 28 19.14 -9.79 8.14
CA HIS A 28 19.60 -9.12 9.35
C HIS A 28 18.43 -8.98 10.29
N SER A 29 18.67 -9.10 11.58
CA SER A 29 17.57 -9.14 12.54
C SER A 29 16.90 -7.79 12.73
N PHE A 30 17.46 -6.72 12.17
CA PHE A 30 16.83 -5.41 12.31
C PHE A 30 15.88 -5.16 11.12
N SER A 31 15.80 -6.10 10.18
CA SER A 31 15.09 -5.88 8.92
C SER A 31 13.57 -5.86 9.06
N TRP A 32 13.03 -6.38 10.16
CA TRP A 32 11.62 -6.76 10.22
C TRP A 32 10.63 -5.58 10.07
N PRO A 33 10.97 -4.37 10.53
CA PRO A 33 10.00 -3.28 10.36
C PRO A 33 9.95 -2.82 8.92
N PHE A 34 10.93 -3.24 8.13
CA PHE A 34 11.10 -2.76 6.77
C PHE A 34 10.78 -3.81 5.73
N GLN A 35 10.32 -4.97 6.16
CA GLN A 35 9.98 -6.05 5.21
C GLN A 35 8.67 -5.88 4.49
N ARG A 36 7.74 -5.14 5.07
CA ARG A 36 6.47 -4.85 4.38
C ARG A 36 6.17 -3.35 4.45
N PRO A 37 5.26 -2.90 3.60
CA PRO A 37 4.82 -1.52 3.78
C PRO A 37 4.21 -1.26 5.16
N VAL A 38 4.30 -0.02 5.65
CA VAL A 38 3.79 0.33 6.98
C VAL A 38 2.29 0.11 6.92
N ASP A 39 1.76 -0.59 7.93
CA ASP A 39 0.36 -0.87 8.02
C ASP A 39 -0.14 0.16 8.99
N ALA A 40 -0.68 1.26 8.47
CA ALA A 40 -1.04 2.43 9.30
C ALA A 40 -2.23 2.15 10.22
N VAL A 41 -3.15 1.31 9.76
CA VAL A 41 -4.29 0.90 10.59
C VAL A 41 -3.76 0.09 11.78
N LYS A 42 -3.00 -0.96 11.53
CA LYS A 42 -2.52 -1.82 12.64
C LYS A 42 -1.60 -1.07 13.62
N LEU A 43 -0.82 -0.13 13.11
CA LEU A 43 0.12 0.60 13.96
C LEU A 43 -0.50 1.87 14.49
N GLN A 44 -1.72 2.15 14.04
CA GLN A 44 -2.48 3.32 14.46
C GLN A 44 -1.72 4.59 14.16
N LEU A 45 -1.23 4.74 12.91
CA LEU A 45 -0.53 5.97 12.45
C LEU A 45 -1.35 6.63 11.32
N PRO A 46 -2.43 7.31 11.68
CA PRO A 46 -3.27 7.92 10.62
C PRO A 46 -2.57 9.03 9.83
N ASP A 47 -1.48 9.56 10.39
CA ASP A 47 -0.72 10.61 9.73
C ASP A 47 0.36 10.07 8.81
N TYR A 48 0.64 8.77 8.84
CA TYR A 48 1.88 8.29 8.23
C TYR A 48 1.96 8.53 6.73
N TYR A 49 0.94 8.14 5.99
CA TYR A 49 0.99 8.25 4.53
C TYR A 49 0.72 9.69 4.03
N THR A 50 0.45 10.61 4.95
CA THR A 50 0.45 12.04 4.61
C THR A 50 1.83 12.62 4.75
N ILE A 51 2.52 12.21 5.80
CA ILE A 51 3.88 12.73 6.01
C ILE A 51 4.87 12.10 5.03
N ILE A 52 4.65 10.81 4.70
CA ILE A 52 5.57 10.05 3.86
C ILE A 52 4.89 9.86 2.51
N LYS A 53 5.28 10.70 1.55
CA LYS A 53 4.70 10.71 0.22
C LYS A 53 5.32 9.74 -0.77
N ASN A 54 6.55 9.31 -0.51
CA ASN A 54 7.14 8.26 -1.31
C ASN A 54 7.47 7.08 -0.41
N PRO A 55 6.43 6.33 0.00
CA PRO A 55 6.74 5.19 0.88
C PRO A 55 7.60 4.15 0.16
N MET A 56 8.48 3.48 0.91
CA MET A 56 9.30 2.44 0.34
C MET A 56 9.60 1.41 1.42
N ASP A 57 9.82 0.19 0.98
CA ASP A 57 10.08 -0.95 1.87
C ASP A 57 10.76 -2.03 1.08
N LEU A 58 11.25 -3.03 1.78
CA LEU A 58 12.13 -4.02 1.16
C LEU A 58 11.39 -4.98 0.24
N ASN A 59 10.14 -5.28 0.56
CA ASN A 59 9.30 -6.08 -0.30
C ASN A 59 8.94 -5.40 -1.59
N THR A 60 8.68 -4.10 -1.56
CA THR A 60 8.56 -3.34 -2.78
C THR A 60 9.86 -3.37 -3.58
N ILE A 61 10.98 -3.19 -2.91
CA ILE A 61 12.22 -3.17 -3.69
C ILE A 61 12.41 -4.56 -4.33
N LYS A 62 12.03 -5.61 -3.60
CA LYS A 62 12.22 -6.98 -4.09
C LYS A 62 11.30 -7.27 -5.27
N LYS A 63 10.00 -7.07 -5.05
CA LYS A 63 8.99 -7.24 -6.09
C LYS A 63 9.44 -6.47 -7.35
N ARG A 64 9.94 -5.26 -7.16
CA ARG A 64 10.50 -4.46 -8.25
C ARG A 64 11.69 -5.09 -8.94
N LEU A 65 12.63 -5.68 -8.20
CA LEU A 65 13.74 -6.42 -8.85
C LEU A 65 13.17 -7.65 -9.63
N GLU A 66 12.34 -8.45 -8.96
CA GLU A 66 11.72 -9.68 -9.51
C GLU A 66 10.94 -9.50 -10.83
N ASN A 67 10.37 -8.32 -11.01
CA ASN A 67 9.54 -8.00 -12.16
C ASN A 67 10.19 -6.91 -13.03
N LYS A 68 11.52 -6.80 -12.91
CA LYS A 68 12.41 -5.90 -13.67
C LYS A 68 11.88 -4.48 -13.91
N TYR A 69 11.45 -3.86 -12.82
CA TYR A 69 10.98 -2.49 -12.83
C TYR A 69 12.11 -1.51 -13.13
N TYR A 70 13.33 -1.83 -12.70
CA TYR A 70 14.39 -0.84 -12.72
C TYR A 70 15.13 -0.86 -14.04
N ALA A 71 15.48 0.35 -14.46
CA ALA A 71 16.27 0.59 -15.65
C ALA A 71 17.76 0.69 -15.31
N LYS A 72 18.10 0.92 -14.05
CA LYS A 72 19.51 1.10 -13.68
C LYS A 72 19.77 0.87 -12.17
N ALA A 73 20.98 0.42 -11.84
CA ALA A 73 21.37 0.18 -10.43
C ALA A 73 21.10 1.41 -9.54
N SER A 74 21.46 2.60 -10.04
CA SER A 74 21.23 3.87 -9.33
C SER A 74 19.82 4.04 -8.79
N GLU A 75 18.85 3.52 -9.53
CA GLU A 75 17.45 3.78 -9.25
C GLU A 75 16.96 2.85 -8.15
N CYS A 76 17.60 1.68 -8.05
CA CYS A 76 17.32 0.75 -6.98
C CYS A 76 17.95 1.28 -5.69
N ILE A 77 19.15 1.87 -5.80
CA ILE A 77 19.85 2.43 -4.65
C ILE A 77 19.01 3.57 -4.05
N GLU A 78 18.41 4.40 -4.89
CA GLU A 78 17.63 5.53 -4.39
C GLU A 78 16.36 5.10 -3.61
N ASP A 79 15.80 3.95 -3.97
CA ASP A 79 14.69 3.37 -3.21
C ASP A 79 15.14 2.92 -1.82
N PHE A 80 16.31 2.30 -1.73
CA PHE A 80 16.85 1.96 -0.41
C PHE A 80 16.98 3.22 0.42
N ASN A 81 17.56 4.25 -0.17
CA ASN A 81 17.76 5.51 0.55
C ASN A 81 16.50 6.22 0.96
N THR A 82 15.43 6.07 0.17
CA THR A 82 14.16 6.63 0.51
C THR A 82 13.60 5.87 1.69
N MET A 83 13.83 4.57 1.66
CA MET A 83 13.32 3.77 2.75
C MET A 83 13.93 4.33 4.05
N PHE A 84 15.22 4.57 4.08
CA PHE A 84 15.85 4.99 5.33
C PHE A 84 15.45 6.44 5.68
N SER A 85 15.48 7.33 4.70
CA SER A 85 15.14 8.72 4.92
C SER A 85 13.68 8.88 5.36
N ASN A 86 12.79 8.04 4.83
CA ASN A 86 11.43 8.00 5.37
C ASN A 86 11.39 7.72 6.85
N CYS A 87 12.19 6.75 7.29
CA CYS A 87 12.22 6.43 8.73
C CYS A 87 12.65 7.68 9.58
N TYR A 88 13.70 8.35 9.12
CA TYR A 88 14.31 9.49 9.81
C TYR A 88 13.37 10.69 9.84
N LEU A 89 12.73 10.97 8.72
CA LEU A 89 11.66 11.97 8.68
C LEU A 89 10.49 11.69 9.60
N TYR A 90 9.91 10.49 9.59
CA TYR A 90 8.70 10.24 10.42
C TYR A 90 8.97 10.16 11.94
N ASN A 91 10.11 9.56 12.28
CA ASN A 91 10.51 9.29 13.66
C ASN A 91 11.46 10.39 14.21
N LYS A 92 12.13 10.15 15.34
CA LYS A 92 12.94 11.15 16.10
C LYS A 92 14.31 10.55 16.29
N PRO A 93 15.36 11.38 16.47
CA PRO A 93 16.65 10.81 16.91
C PRO A 93 16.55 10.08 18.25
N GLY A 94 17.28 8.97 18.35
CA GLY A 94 17.24 8.19 19.56
C GLY A 94 16.07 7.23 19.66
N ASP A 95 15.17 7.23 18.67
CA ASP A 95 14.10 6.21 18.65
C ASP A 95 14.71 4.84 18.26
N ASP A 96 14.26 3.79 18.94
CA ASP A 96 14.70 2.45 18.59
C ASP A 96 14.65 2.23 17.06
N ILE A 97 13.60 2.71 16.39
CA ILE A 97 13.44 2.38 14.97
C ILE A 97 14.55 3.09 14.16
N VAL A 98 14.95 4.26 14.64
CA VAL A 98 15.95 5.07 13.97
C VAL A 98 17.33 4.37 14.17
N LEU A 99 17.59 3.80 15.33
CA LEU A 99 18.86 3.07 15.50
C LEU A 99 18.90 1.85 14.56
N MET A 100 17.81 1.11 14.51
CA MET A 100 17.77 -0.02 13.61
C MET A 100 18.08 0.42 12.16
N ALA A 101 17.46 1.50 11.74
CA ALA A 101 17.58 1.96 10.37
C ALA A 101 18.97 2.41 10.08
N GLN A 102 19.60 3.07 11.05
CA GLN A 102 21.00 3.50 10.89
C GLN A 102 21.97 2.31 10.79
N ALA A 103 21.67 1.25 11.52
CA ALA A 103 22.52 0.07 11.43
C ALA A 103 22.34 -0.65 10.09
N LEU A 104 21.10 -0.75 9.65
CA LEU A 104 20.87 -1.34 8.36
C LEU A 104 21.51 -0.49 7.31
N GLU A 105 21.44 0.82 7.50
CA GLU A 105 22.07 1.70 6.50
C GLU A 105 23.60 1.50 6.44
N LYS A 106 24.24 1.27 7.57
CA LYS A 106 25.68 1.01 7.61
C LYS A 106 25.97 -0.29 6.83
N LEU A 107 25.21 -1.33 7.11
CA LEU A 107 25.43 -2.60 6.42
C LEU A 107 25.28 -2.38 4.92
N PHE A 108 24.26 -1.62 4.54
CA PHE A 108 23.95 -1.32 3.16
C PHE A 108 25.11 -0.67 2.38
N MET A 109 25.68 0.38 2.95
CA MET A 109 26.84 1.04 2.39
C MET A 109 28.00 0.05 2.25
N GLN A 110 28.27 -0.67 3.35
CA GLN A 110 29.29 -1.74 3.38
CA GLN A 110 29.34 -1.67 3.34
C GLN A 110 29.19 -2.64 2.16
N LYS A 111 27.98 -3.02 1.79
CA LYS A 111 27.78 -3.92 0.65
C LYS A 111 27.84 -3.19 -0.70
N LEU A 112 27.41 -1.93 -0.73
CA LEU A 112 27.57 -1.12 -1.92
C LEU A 112 29.06 -0.97 -2.28
N SER A 113 29.88 -0.81 -1.27
CA SER A 113 31.29 -0.60 -1.51
C SER A 113 31.83 -1.74 -2.37
N GLN A 114 31.37 -2.96 -2.11
CA GLN A 114 31.85 -4.14 -2.81
C GLN A 114 31.04 -4.53 -4.06
N MET A 115 30.31 -3.59 -4.65
CA MET A 115 29.54 -3.90 -5.86
C MET A 115 30.44 -3.95 -7.08
N PRO A 116 30.10 -4.78 -8.09
CA PRO A 116 30.73 -4.78 -9.42
C PRO A 116 30.60 -3.47 -10.21
N THR B 11 -4.16 -8.39 -17.64
CA THR B 11 -3.91 -7.35 -18.68
C THR B 11 -3.10 -6.19 -18.09
N ASN B 12 -2.89 -5.15 -18.90
CA ASN B 12 -2.21 -3.93 -18.44
C ASN B 12 -3.12 -3.07 -17.53
N GLN B 13 -4.43 -3.20 -17.68
CA GLN B 13 -5.38 -2.41 -16.92
C GLN B 13 -5.58 -2.94 -15.49
N LEU B 14 -5.73 -4.26 -15.35
CA LEU B 14 -5.90 -4.87 -14.04
C LEU B 14 -4.65 -4.70 -13.20
N GLN B 15 -3.48 -4.70 -13.83
CA GLN B 15 -2.22 -4.45 -13.14
C GLN B 15 -2.21 -3.01 -12.61
N TYR B 16 -2.81 -2.09 -13.38
CA TYR B 16 -2.90 -0.69 -12.96
C TYR B 16 -3.87 -0.55 -11.77
N LEU B 17 -4.94 -1.35 -11.78
CA LEU B 17 -5.93 -1.33 -10.70
C LEU B 17 -5.35 -1.86 -9.39
N GLN B 18 -4.35 -2.75 -9.48
CA GLN B 18 -3.74 -3.35 -8.32
C GLN B 18 -2.62 -2.44 -7.79
N LYS B 19 -1.66 -2.11 -8.64
CA LYS B 19 -0.42 -1.45 -8.21
C LYS B 19 -0.58 0.06 -8.03
N VAL B 20 -1.51 0.69 -8.74
CA VAL B 20 -1.74 2.15 -8.62
C VAL B 20 -3.04 2.49 -7.86
N VAL B 21 -4.18 2.14 -8.44
CA VAL B 21 -5.48 2.54 -7.89
C VAL B 21 -5.72 1.99 -6.48
N LEU B 22 -5.70 0.66 -6.34
CA LEU B 22 -5.94 0.04 -5.04
C LEU B 22 -4.94 0.54 -3.99
N LYS B 23 -3.67 0.62 -4.40
CA LYS B 23 -2.59 1.06 -3.50
C LYS B 23 -2.77 2.49 -3.06
N ASP B 24 -3.25 3.38 -3.95
CA ASP B 24 -3.46 4.78 -3.58
C ASP B 24 -4.67 4.96 -2.67
N LEU B 25 -5.72 4.18 -2.88
CA LEU B 25 -6.86 4.24 -1.98
C LEU B 25 -6.45 3.70 -0.61
N TRP B 26 -5.76 2.58 -0.62
CA TRP B 26 -5.34 1.95 0.63
C TRP B 26 -4.55 2.94 1.48
N LYS B 27 -3.64 3.68 0.86
CA LYS B 27 -2.77 4.62 1.59
C LYS B 27 -3.55 5.79 2.23
N HIS B 28 -4.72 6.07 1.69
CA HIS B 28 -5.51 7.19 2.14
C HIS B 28 -6.13 6.92 3.50
N SER B 29 -6.01 7.95 4.34
CA SER B 29 -6.55 8.03 5.70
CA SER B 29 -6.53 7.86 5.71
C SER B 29 -8.01 7.51 5.73
N PHE B 30 -8.81 8.02 4.79
CA PHE B 30 -10.24 7.71 4.69
C PHE B 30 -10.57 6.24 4.33
N SER B 31 -9.55 5.52 3.91
CA SER B 31 -9.72 4.08 3.55
C SER B 31 -9.98 3.15 4.73
N TRP B 32 -9.57 3.51 5.93
CA TRP B 32 -9.55 2.52 7.01
CA TRP B 32 -9.54 2.53 7.02
C TRP B 32 -10.85 1.74 7.12
N PRO B 33 -12.01 2.41 7.08
CA PRO B 33 -13.23 1.60 7.28
C PRO B 33 -13.56 0.62 6.17
N PHE B 34 -12.98 0.84 5.00
CA PHE B 34 -13.27 0.02 3.85
C PHE B 34 -12.20 -1.06 3.60
N GLN B 35 -11.28 -1.24 4.53
CA GLN B 35 -10.13 -2.14 4.34
C GLN B 35 -10.52 -3.55 4.76
N ARG B 36 -11.75 -3.71 5.27
CA ARG B 36 -12.29 -5.03 5.66
C ARG B 36 -13.79 -5.04 5.42
N PRO B 37 -14.39 -6.26 5.29
CA PRO B 37 -15.85 -6.33 5.20
C PRO B 37 -16.49 -5.70 6.44
N VAL B 38 -17.60 -5.03 6.23
CA VAL B 38 -18.29 -4.38 7.32
C VAL B 38 -18.68 -5.45 8.33
N ASP B 39 -18.40 -5.19 9.60
CA ASP B 39 -18.72 -6.12 10.65
C ASP B 39 -20.00 -5.64 11.36
N ALA B 40 -21.11 -6.12 10.81
CA ALA B 40 -22.46 -5.72 11.22
C ALA B 40 -22.69 -5.92 12.70
N VAL B 41 -22.18 -7.05 13.21
CA VAL B 41 -22.31 -7.42 14.61
C VAL B 41 -21.65 -6.41 15.56
N LYS B 42 -20.34 -6.25 15.45
CA LYS B 42 -19.56 -5.34 16.32
C LYS B 42 -20.04 -3.90 16.29
N LEU B 43 -20.48 -3.44 15.11
CA LEU B 43 -20.86 -2.04 14.93
C LEU B 43 -22.33 -1.78 15.28
N GLN B 44 -23.07 -2.85 15.58
CA GLN B 44 -24.49 -2.78 15.95
C GLN B 44 -25.34 -2.33 14.76
N LEU B 45 -25.20 -3.04 13.64
CA LEU B 45 -25.95 -2.76 12.41
C LEU B 45 -26.66 -4.05 11.90
N PRO B 46 -27.53 -4.67 12.75
CA PRO B 46 -28.16 -5.97 12.42
C PRO B 46 -29.04 -5.97 11.14
N ASP B 47 -29.50 -4.79 10.73
CA ASP B 47 -30.18 -4.58 9.44
C ASP B 47 -29.24 -4.65 8.22
N TYR B 48 -27.97 -4.34 8.44
CA TYR B 48 -27.01 -4.10 7.36
C TYR B 48 -27.00 -5.13 6.24
N TYR B 49 -26.83 -6.39 6.60
CA TYR B 49 -26.63 -7.46 5.62
C TYR B 49 -27.95 -7.94 4.98
N THR B 50 -29.08 -7.45 5.49
CA THR B 50 -30.34 -7.54 4.76
C THR B 50 -30.38 -6.44 3.70
N ILE B 51 -29.92 -5.25 4.05
CA ILE B 51 -30.00 -4.10 3.12
C ILE B 51 -28.98 -4.19 1.98
N ILE B 52 -27.77 -4.60 2.31
CA ILE B 52 -26.68 -4.65 1.35
C ILE B 52 -26.56 -6.11 0.96
N LYS B 53 -27.00 -6.43 -0.26
CA LYS B 53 -27.03 -7.83 -0.74
C LYS B 53 -25.70 -8.19 -1.42
N ASN B 54 -24.94 -7.16 -1.83
CA ASN B 54 -23.66 -7.36 -2.50
C ASN B 54 -22.50 -6.71 -1.71
N PRO B 55 -22.17 -7.25 -0.52
CA PRO B 55 -21.11 -6.62 0.27
C PRO B 55 -19.76 -6.55 -0.45
N MET B 56 -18.97 -5.51 -0.16
CA MET B 56 -17.71 -5.31 -0.85
C MET B 56 -16.80 -4.40 -0.05
N ASP B 57 -15.50 -4.62 -0.17
CA ASP B 57 -14.49 -3.95 0.63
C ASP B 57 -13.18 -4.07 -0.10
N LEU B 58 -12.21 -3.28 0.30
CA LEU B 58 -10.93 -3.24 -0.41
C LEU B 58 -10.14 -4.54 -0.26
N ASN B 59 -10.16 -5.16 0.92
CA ASN B 59 -9.43 -6.43 1.11
C ASN B 59 -9.98 -7.57 0.21
N THR B 60 -11.29 -7.55 -0.04
CA THR B 60 -11.89 -8.45 -1.01
C THR B 60 -11.38 -8.15 -2.40
N ILE B 61 -11.32 -6.89 -2.80
CA ILE B 61 -10.81 -6.54 -4.15
C ILE B 61 -9.33 -6.89 -4.32
N LYS B 62 -8.55 -6.68 -3.26
CA LYS B 62 -7.16 -7.04 -3.24
C LYS B 62 -6.98 -8.55 -3.41
N LYS B 63 -7.79 -9.34 -2.69
CA LYS B 63 -7.75 -10.83 -2.78
C LYS B 63 -8.04 -11.35 -4.18
N ARG B 64 -9.05 -10.76 -4.83
CA ARG B 64 -9.44 -11.13 -6.19
C ARG B 64 -8.39 -10.73 -7.25
N LEU B 65 -7.76 -9.58 -7.08
CA LEU B 65 -6.63 -9.18 -7.95
C LEU B 65 -5.43 -10.11 -7.75
N GLU B 66 -5.16 -10.45 -6.48
CA GLU B 66 -4.13 -11.40 -6.08
C GLU B 66 -4.25 -12.75 -6.78
N ASN B 67 -5.49 -13.19 -7.02
CA ASN B 67 -5.76 -14.53 -7.55
C ASN B 67 -6.20 -14.61 -9.01
N LYS B 68 -6.27 -13.48 -9.70
CA LYS B 68 -6.75 -13.41 -11.09
C LYS B 68 -8.21 -13.87 -11.23
N TYR B 69 -9.04 -13.44 -10.28
CA TYR B 69 -10.48 -13.76 -10.28
C TYR B 69 -11.21 -12.94 -11.33
N TYR B 70 -10.80 -11.69 -11.54
CA TYR B 70 -11.48 -10.81 -12.49
C TYR B 70 -11.16 -11.17 -13.92
N ALA B 71 -12.20 -11.36 -14.72
CA ALA B 71 -12.05 -11.65 -16.14
C ALA B 71 -11.64 -10.38 -16.88
N LYS B 72 -12.38 -9.30 -16.60
CA LYS B 72 -12.13 -8.00 -17.21
C LYS B 72 -11.82 -6.92 -16.16
N ALA B 73 -11.13 -5.87 -16.61
CA ALA B 73 -10.88 -4.70 -15.76
C ALA B 73 -12.22 -4.10 -15.31
N SER B 74 -13.21 -4.12 -16.20
CA SER B 74 -14.54 -3.59 -15.90
C SER B 74 -15.18 -4.28 -14.68
N GLU B 75 -14.88 -5.56 -14.47
CA GLU B 75 -15.43 -6.31 -13.33
C GLU B 75 -14.82 -5.86 -12.00
N CYS B 76 -13.50 -5.62 -12.00
CA CYS B 76 -12.82 -5.06 -10.84
C CYS B 76 -13.38 -3.67 -10.55
N ILE B 77 -13.48 -2.85 -11.59
CA ILE B 77 -14.06 -1.51 -11.50
C ILE B 77 -15.52 -1.51 -10.99
N GLU B 78 -16.27 -2.55 -11.31
CA GLU B 78 -17.66 -2.67 -10.86
C GLU B 78 -17.72 -2.87 -9.33
N ASP B 79 -16.74 -3.60 -8.81
CA ASP B 79 -16.66 -3.91 -7.37
C ASP B 79 -16.29 -2.69 -6.49
N PHE B 80 -15.46 -1.81 -7.02
CA PHE B 80 -15.15 -0.57 -6.35
C PHE B 80 -16.41 0.29 -6.26
N ASN B 81 -17.20 0.35 -7.34
CA ASN B 81 -18.45 1.13 -7.33
C ASN B 81 -19.51 0.53 -6.42
N THR B 82 -19.56 -0.78 -6.35
CA THR B 82 -20.48 -1.47 -5.42
C THR B 82 -20.16 -1.03 -3.98
N MET B 83 -18.86 -1.05 -3.69
CA MET B 83 -18.37 -0.66 -2.40
C MET B 83 -18.87 0.74 -2.04
N PHE B 84 -18.63 1.75 -2.88
CA PHE B 84 -19.15 3.10 -2.57
C PHE B 84 -20.66 3.13 -2.48
N SER B 85 -21.32 2.57 -3.49
CA SER B 85 -22.78 2.58 -3.57
C SER B 85 -23.45 1.97 -2.33
N ASN B 86 -22.93 0.85 -1.85
CA ASN B 86 -23.42 0.27 -0.57
C ASN B 86 -23.37 1.25 0.58
N CYS B 87 -22.28 2.03 0.65
CA CYS B 87 -22.10 2.94 1.74
C CYS B 87 -23.09 4.09 1.64
N TYR B 88 -23.33 4.57 0.43
CA TYR B 88 -24.26 5.66 0.25
C TYR B 88 -25.70 5.13 0.48
N LEU B 89 -25.98 3.88 0.06
CA LEU B 89 -27.30 3.29 0.29
C LEU B 89 -27.60 3.28 1.76
N TYR B 90 -26.72 2.62 2.53
CA TYR B 90 -27.03 2.29 3.93
C TYR B 90 -27.08 3.50 4.84
N ASN B 91 -26.17 4.44 4.65
CA ASN B 91 -25.96 5.53 5.60
C ASN B 91 -26.75 6.74 5.25
N LYS B 92 -26.76 7.74 6.12
CA LYS B 92 -27.46 8.99 5.84
C LYS B 92 -26.48 9.90 5.14
N PRO B 93 -26.97 10.84 4.32
N PRO B 93 -26.99 10.84 4.32
CA PRO B 93 -26.09 11.50 3.35
CA PRO B 93 -26.13 11.89 3.83
C PRO B 93 -25.06 12.47 3.92
C PRO B 93 -25.79 12.78 5.01
N GLY B 94 -25.26 12.91 5.17
N GLY B 94 -24.65 13.44 4.94
CA GLY B 94 -24.37 13.88 5.82
CA GLY B 94 -24.14 14.17 6.08
C GLY B 94 -23.33 13.26 6.75
C GLY B 94 -23.43 13.28 7.10
N ASP B 95 -23.44 11.95 6.95
CA ASP B 95 -22.59 11.13 7.83
C ASP B 95 -21.10 11.17 7.45
N ASP B 96 -20.26 10.87 8.45
CA ASP B 96 -18.80 10.92 8.34
C ASP B 96 -18.33 9.88 7.32
N ILE B 97 -18.89 8.65 7.40
CA ILE B 97 -18.49 7.54 6.51
C ILE B 97 -18.80 7.82 5.05
N VAL B 98 -19.83 8.63 4.82
CA VAL B 98 -20.28 9.03 3.48
C VAL B 98 -19.34 10.12 2.94
N LEU B 99 -18.99 11.09 3.78
CA LEU B 99 -18.01 12.12 3.37
C LEU B 99 -16.71 11.41 2.95
N MET B 100 -16.27 10.43 3.74
CA MET B 100 -15.10 9.62 3.46
C MET B 100 -15.24 8.85 2.16
N ALA B 101 -16.35 8.12 2.01
CA ALA B 101 -16.63 7.40 0.76
C ALA B 101 -16.59 8.34 -0.48
N GLN B 102 -17.22 9.50 -0.39
CA GLN B 102 -17.26 10.40 -1.55
C GLN B 102 -15.85 10.90 -1.94
N ALA B 103 -15.01 11.18 -0.94
CA ALA B 103 -13.63 11.68 -1.16
C ALA B 103 -12.74 10.58 -1.78
N LEU B 104 -12.90 9.37 -1.27
CA LEU B 104 -12.19 8.23 -1.78
C LEU B 104 -12.66 7.95 -3.21
N GLU B 105 -13.96 8.04 -3.47
CA GLU B 105 -14.46 7.90 -4.84
C GLU B 105 -13.92 8.94 -5.84
N LYS B 106 -13.80 10.19 -5.40
CA LYS B 106 -13.21 11.23 -6.20
C LYS B 106 -11.76 10.88 -6.55
N LEU B 107 -11.03 10.32 -5.58
CA LEU B 107 -9.63 9.90 -5.78
C LEU B 107 -9.57 8.70 -6.72
N PHE B 108 -10.40 7.70 -6.46
CA PHE B 108 -10.61 6.60 -7.39
C PHE B 108 -10.79 7.11 -8.81
N MET B 109 -11.72 8.04 -8.99
CA MET B 109 -12.11 8.49 -10.32
C MET B 109 -10.94 9.15 -11.04
N GLN B 110 -10.18 9.97 -10.31
CA GLN B 110 -9.03 10.66 -10.88
C GLN B 110 -7.97 9.68 -11.35
N LYS B 111 -7.74 8.65 -10.54
CA LYS B 111 -6.79 7.60 -10.89
C LYS B 111 -7.29 6.76 -12.06
N LEU B 112 -8.56 6.39 -12.01
CA LEU B 112 -9.22 5.73 -13.13
C LEU B 112 -9.03 6.51 -14.42
N SER B 113 -9.17 7.83 -14.34
CA SER B 113 -8.88 8.70 -15.47
C SER B 113 -7.64 8.24 -16.23
N GLN B 114 -6.57 7.98 -15.49
CA GLN B 114 -5.24 7.90 -16.08
C GLN B 114 -4.81 6.46 -16.29
N MET B 115 -5.76 5.61 -16.68
CA MET B 115 -5.46 4.22 -17.00
C MET B 115 -5.12 4.05 -18.46
N PRO B 116 -4.32 3.04 -18.77
CA PRO B 116 -3.84 2.82 -20.14
C PRO B 116 -4.71 1.80 -20.89
N GLN B 117 -4.34 1.50 -22.13
CA GLN B 117 -5.12 0.59 -22.96
C GLN B 117 -6.56 1.04 -23.07
#